data_6UJO
#
_entry.id   6UJO
#
_cell.length_a   97.541
_cell.length_b   37.692
_cell.length_c   120.113
_cell.angle_alpha   90.000
_cell.angle_beta   91.478
_cell.angle_gamma   90.000
#
_symmetry.space_group_name_H-M   'C 1 2 1'
#
loop_
_entity.id
_entity.type
_entity.pdbx_description
1 polymer 'MHC class I antigen'
2 polymer Beta-2-microglobulin
3 polymer 'Protein-cysteine N-palmitoyltransferase HHAT'
4 water water
#
loop_
_entity_poly.entity_id
_entity_poly.type
_entity_poly.pdbx_seq_one_letter_code
_entity_poly.pdbx_strand_id
1 'polypeptide(L)'
;MGSHSMRYFYTSVSRPGRGEPRFIAVGYVDDTQFVRFDSDAASQRMEPRAPWIEQEGPEYWDGETRKVKAHSQTHRVDLG
TLRGYYNQSEAGSHTVQRMYGCDVGSDWRFLRGYHQYAYDGKDYIALKEDLRSWTAADMAAQTTKHKWEAAHVAEQLRAY
LEGTCVEWLRRYLENGKETLQRTDAPKTHMTHHAVSDHEATLRCWALSFYPAEITLTWQRDGEDQTQDTELVETRPAGDG
TFQKWAAVVVPSGQEQRYTCHVQHEGLPKPLTLRWE
;
A
2 'polypeptide(L)'
;MIQRTPKIQVYSRHPAENGKSNFLNCYVSGFHPSDIEVDLLKNGERIEKVEHSDLSFSKDWSFYLLYYTEFTPTEKDEYA
CRVNHVTLSQPKIVKWDRDM
;
B
3 'polypeptide(L)' KQWLVWLFL C
#
# COMPACT_ATOMS: atom_id res chain seq x y z
N GLY A 2 -16.42 10.72 4.68
CA GLY A 2 -17.64 10.07 4.25
C GLY A 2 -17.47 9.17 3.04
N SER A 3 -16.55 9.55 2.16
CA SER A 3 -16.29 8.78 0.95
C SER A 3 -15.70 7.40 1.30
N HIS A 4 -15.88 6.45 0.39
CA HIS A 4 -15.35 5.10 0.61
C HIS A 4 -14.96 4.48 -0.73
N SER A 5 -14.11 3.46 -0.65
CA SER A 5 -13.51 2.86 -1.82
C SER A 5 -13.37 1.36 -1.64
N MET A 6 -13.48 0.63 -2.74
CA MET A 6 -13.09 -0.77 -2.79
C MET A 6 -12.20 -0.96 -4.01
N ARG A 7 -11.12 -1.71 -3.84
CA ARG A 7 -10.11 -1.90 -4.87
C ARG A 7 -9.59 -3.33 -4.83
N TYR A 8 -9.39 -3.90 -6.02
CA TYR A 8 -8.69 -5.17 -6.17
C TYR A 8 -7.43 -4.93 -6.99
N PHE A 9 -6.31 -5.47 -6.51
CA PHE A 9 -5.01 -5.36 -7.14
C PHE A 9 -4.49 -6.77 -7.45
N TYR A 10 -4.07 -6.99 -8.70
CA TYR A 10 -3.53 -8.26 -9.14
C TYR A 10 -2.17 -8.03 -9.79
N THR A 11 -1.21 -8.87 -9.45
CA THR A 11 0.14 -8.77 -9.99
C THR A 11 0.58 -10.15 -10.44
N SER A 12 1.03 -10.25 -11.69
CA SER A 12 1.59 -11.48 -12.23
C SER A 12 2.99 -11.20 -12.77
N VAL A 13 3.96 -11.99 -12.30
CA VAL A 13 5.35 -11.84 -12.68
C VAL A 13 5.79 -13.16 -13.30
N SER A 14 6.25 -13.11 -14.54
CA SER A 14 6.69 -14.32 -15.20
C SER A 14 8.04 -14.75 -14.64
N ARG A 15 8.24 -16.07 -14.61
CA ARG A 15 9.46 -16.68 -14.07
C ARG A 15 10.02 -17.62 -15.12
N PRO A 16 10.74 -17.10 -16.11
CA PRO A 16 11.28 -17.96 -17.17
C PRO A 16 12.27 -18.97 -16.60
N GLY A 17 12.09 -20.23 -16.97
CA GLY A 17 12.89 -21.30 -16.44
C GLY A 17 12.55 -21.72 -15.03
N ARG A 18 11.52 -21.12 -14.43
CA ARG A 18 11.09 -21.45 -13.08
C ARG A 18 9.63 -21.87 -13.01
N GLY A 19 9.01 -22.14 -14.16
CA GLY A 19 7.66 -22.68 -14.19
C GLY A 19 6.61 -21.60 -14.32
N GLU A 20 5.58 -21.66 -13.48
CA GLU A 20 4.41 -20.79 -13.57
C GLU A 20 4.73 -19.39 -13.04
N PRO A 21 4.05 -18.38 -13.57
CA PRO A 21 4.23 -17.02 -13.05
C PRO A 21 3.72 -16.91 -11.63
N ARG A 22 4.35 -16.04 -10.84
CA ARG A 22 3.82 -15.76 -9.52
C ARG A 22 2.69 -14.74 -9.62
N PHE A 23 1.57 -15.07 -8.98
CA PHE A 23 0.35 -14.27 -9.05
C PHE A 23 -0.09 -13.96 -7.63
N ILE A 24 -0.31 -12.68 -7.36
CA ILE A 24 -0.72 -12.22 -6.04
C ILE A 24 -1.88 -11.25 -6.21
N ALA A 25 -2.97 -11.49 -5.48
CA ALA A 25 -4.15 -10.65 -5.52
C ALA A 25 -4.52 -10.18 -4.12
N VAL A 26 -4.89 -8.91 -4.00
CA VAL A 26 -5.33 -8.36 -2.73
C VAL A 26 -6.56 -7.50 -2.97
N GLY A 27 -7.40 -7.42 -1.95
CA GLY A 27 -8.58 -6.58 -1.97
C GLY A 27 -8.57 -5.63 -0.79
N TYR A 28 -8.90 -4.37 -1.03
CA TYR A 28 -8.95 -3.35 -0.01
C TYR A 28 -10.33 -2.71 0.03
N VAL A 29 -10.80 -2.43 1.24
CA VAL A 29 -11.84 -1.45 1.49
C VAL A 29 -11.18 -0.27 2.18
N ASP A 30 -11.18 0.89 1.53
CA ASP A 30 -10.45 2.07 2.00
C ASP A 30 -9.00 1.67 2.19
N ASP A 31 -8.41 1.84 3.37
CA ASP A 31 -7.02 1.44 3.62
C ASP A 31 -6.90 0.11 4.35
N THR A 32 -7.95 -0.71 4.32
CA THR A 32 -8.00 -1.98 5.04
C THR A 32 -8.02 -3.13 4.04
N GLN A 33 -6.96 -3.93 4.02
CA GLN A 33 -6.97 -5.15 3.22
C GLN A 33 -7.91 -6.16 3.87
N PHE A 34 -8.75 -6.81 3.05
CA PHE A 34 -9.66 -7.81 3.57
C PHE A 34 -9.56 -9.18 2.92
N VAL A 35 -8.96 -9.30 1.73
CA VAL A 35 -8.76 -10.60 1.11
C VAL A 35 -7.38 -10.66 0.47
N ARG A 36 -6.89 -11.88 0.29
CA ARG A 36 -5.61 -12.11 -0.37
C ARG A 36 -5.64 -13.47 -1.07
N PHE A 37 -4.89 -13.55 -2.17
CA PHE A 37 -4.58 -14.82 -2.82
C PHE A 37 -3.13 -14.81 -3.23
N ASP A 38 -2.48 -15.98 -3.13
CA ASP A 38 -1.08 -16.12 -3.51
C ASP A 38 -0.91 -17.49 -4.16
N SER A 39 -0.52 -17.49 -5.43
CA SER A 39 -0.37 -18.74 -6.16
C SER A 39 0.71 -19.64 -5.55
N ASP A 40 1.59 -19.09 -4.71
CA ASP A 40 2.61 -19.90 -4.06
C ASP A 40 2.13 -20.54 -2.76
N ALA A 41 1.05 -20.04 -2.18
CA ALA A 41 0.54 -20.63 -0.95
C ALA A 41 -0.14 -21.97 -1.24
N ALA A 42 -0.22 -22.82 -0.21
CA ALA A 42 -0.67 -24.18 -0.42
C ALA A 42 -2.19 -24.28 -0.58
N SER A 43 -2.93 -23.31 -0.03
CA SER A 43 -4.39 -23.45 0.03
C SER A 43 -5.03 -23.30 -1.35
N GLN A 44 -4.45 -22.48 -2.23
CA GLN A 44 -5.03 -22.19 -3.54
C GLN A 44 -6.43 -21.60 -3.44
N ARG A 45 -6.72 -20.93 -2.34
CA ARG A 45 -8.02 -20.29 -2.15
C ARG A 45 -7.84 -18.84 -1.73
N MET A 46 -8.83 -18.02 -2.08
CA MET A 46 -8.90 -16.68 -1.53
C MET A 46 -9.05 -16.75 -0.02
N GLU A 47 -8.32 -15.88 0.69
CA GLU A 47 -8.26 -16.00 2.13
C GLU A 47 -8.67 -14.70 2.82
N PRO A 48 -9.30 -14.80 3.99
CA PRO A 48 -9.67 -13.58 4.74
C PRO A 48 -8.45 -12.91 5.33
N ARG A 49 -8.43 -11.56 5.30
CA ARG A 49 -7.42 -10.77 5.98
C ARG A 49 -7.99 -9.81 7.01
N ALA A 50 -9.30 -9.61 7.05
CA ALA A 50 -9.99 -8.80 8.03
C ALA A 50 -11.00 -9.65 8.79
N PRO A 51 -11.33 -9.29 10.04
CA PRO A 51 -12.25 -10.14 10.81
C PRO A 51 -13.67 -10.14 10.28
N TRP A 52 -14.15 -9.01 9.76
CA TRP A 52 -15.55 -8.92 9.36
C TRP A 52 -15.84 -9.71 8.08
N ILE A 53 -14.82 -10.10 7.32
CA ILE A 53 -15.07 -10.89 6.13
C ILE A 53 -15.14 -12.39 6.43
N GLU A 54 -14.60 -12.83 7.57
CA GLU A 54 -14.69 -14.23 7.94
C GLU A 54 -16.13 -14.69 8.17
N GLN A 55 -17.08 -13.75 8.30
CA GLN A 55 -18.47 -14.14 8.48
C GLN A 55 -19.04 -14.78 7.22
N GLU A 56 -18.55 -14.39 6.04
CA GLU A 56 -19.08 -14.93 4.79
C GLU A 56 -18.99 -16.44 4.76
N GLY A 57 -19.99 -17.08 4.16
CA GLY A 57 -20.08 -18.52 4.13
C GLY A 57 -19.34 -19.16 2.98
N PRO A 58 -19.55 -20.46 2.78
CA PRO A 58 -18.78 -21.17 1.76
C PRO A 58 -19.09 -20.74 0.33
N GLU A 59 -20.30 -20.26 0.05
CA GLU A 59 -20.61 -19.79 -1.30
C GLU A 59 -19.77 -18.57 -1.66
N TYR A 60 -19.62 -17.63 -0.72
CA TYR A 60 -18.78 -16.47 -0.96
C TYR A 60 -17.36 -16.88 -1.31
N TRP A 61 -16.78 -17.78 -0.50
CA TRP A 61 -15.37 -18.11 -0.67
C TRP A 61 -15.14 -18.95 -1.91
N ASP A 62 -16.05 -19.88 -2.22
CA ASP A 62 -15.96 -20.62 -3.48
C ASP A 62 -16.02 -19.68 -4.67
N GLY A 63 -16.96 -18.72 -4.65
CA GLY A 63 -17.06 -17.78 -5.75
C GLY A 63 -15.83 -16.93 -5.92
N GLU A 64 -15.31 -16.39 -4.81
CA GLU A 64 -14.15 -15.52 -4.89
C GLU A 64 -12.90 -16.28 -5.30
N THR A 65 -12.75 -17.53 -4.82
CA THR A 65 -11.63 -18.35 -5.27
C THR A 65 -11.69 -18.60 -6.77
N ARG A 66 -12.88 -18.99 -7.26
CA ARG A 66 -13.03 -19.22 -8.69
C ARG A 66 -12.71 -17.96 -9.51
N LYS A 67 -13.17 -16.80 -9.05
CA LYS A 67 -12.89 -15.57 -9.77
C LYS A 67 -11.39 -15.24 -9.77
N VAL A 68 -10.74 -15.34 -8.61
CA VAL A 68 -9.34 -14.96 -8.55
C VAL A 68 -8.49 -15.94 -9.35
N LYS A 69 -8.90 -17.22 -9.40
CA LYS A 69 -8.18 -18.18 -10.20
C LYS A 69 -8.33 -17.88 -11.69
N ALA A 70 -9.54 -17.49 -12.11
CA ALA A 70 -9.74 -17.07 -13.49
C ALA A 70 -8.85 -15.89 -13.84
N HIS A 71 -8.74 -14.92 -12.92
CA HIS A 71 -7.86 -13.77 -13.17
C HIS A 71 -6.41 -14.21 -13.30
N SER A 72 -5.98 -15.14 -12.44
CA SER A 72 -4.63 -15.69 -12.53
C SER A 72 -4.39 -16.29 -13.91
N GLN A 73 -5.35 -17.10 -14.39
CA GLN A 73 -5.19 -17.78 -15.68
C GLN A 73 -5.13 -16.77 -16.83
N THR A 74 -6.03 -15.79 -16.84
CA THR A 74 -5.99 -14.82 -17.94
C THR A 74 -4.73 -13.98 -17.89
N HIS A 75 -4.23 -13.66 -16.69
CA HIS A 75 -2.96 -12.94 -16.59
C HIS A 75 -1.81 -13.76 -17.14
N ARG A 76 -1.82 -15.07 -16.88
CA ARG A 76 -0.74 -15.90 -17.38
C ARG A 76 -0.78 -15.96 -18.90
N VAL A 77 -1.98 -16.00 -19.48
CA VAL A 77 -2.08 -15.91 -20.94
C VAL A 77 -1.61 -14.55 -21.42
N ASP A 78 -1.95 -13.48 -20.69
CA ASP A 78 -1.59 -12.12 -21.09
C ASP A 78 -0.09 -11.90 -21.14
N LEU A 79 0.65 -12.49 -20.20
CA LEU A 79 2.10 -12.36 -20.22
C LEU A 79 2.68 -12.81 -21.56
N GLY A 80 2.26 -13.98 -22.03
CA GLY A 80 2.71 -14.45 -23.34
C GLY A 80 2.18 -13.60 -24.48
N THR A 81 0.90 -13.23 -24.40
CA THR A 81 0.30 -12.34 -25.40
C THR A 81 1.12 -11.08 -25.58
N LEU A 82 1.52 -10.44 -24.48
CA LEU A 82 2.25 -9.19 -24.55
C LEU A 82 3.69 -9.41 -25.01
N ARG A 83 4.34 -10.49 -24.55
CA ARG A 83 5.63 -10.84 -25.11
C ARG A 83 5.57 -10.91 -26.62
N GLY A 84 4.49 -11.48 -27.16
CA GLY A 84 4.32 -11.50 -28.60
C GLY A 84 4.11 -10.11 -29.18
N TYR A 85 3.22 -9.33 -28.58
CA TYR A 85 2.93 -7.98 -29.08
C TYR A 85 4.21 -7.16 -29.25
N TYR A 86 5.05 -7.15 -28.22
CA TYR A 86 6.27 -6.35 -28.23
C TYR A 86 7.49 -7.11 -28.76
N ASN A 87 7.31 -8.34 -29.24
CA ASN A 87 8.39 -9.15 -29.80
C ASN A 87 9.57 -9.25 -28.83
N GLN A 88 9.27 -9.72 -27.62
CA GLN A 88 10.26 -9.85 -26.57
C GLN A 88 10.68 -11.32 -26.44
N SER A 89 11.91 -11.52 -25.96
CA SER A 89 12.43 -12.87 -25.81
C SER A 89 11.74 -13.58 -24.65
N GLU A 90 12.03 -14.86 -24.52
CA GLU A 90 11.43 -15.69 -23.47
C GLU A 90 12.29 -15.81 -22.22
N ALA A 91 13.42 -15.09 -22.15
CA ALA A 91 14.39 -15.31 -21.10
C ALA A 91 14.27 -14.34 -19.92
N GLY A 92 13.61 -13.20 -20.12
CA GLY A 92 13.50 -12.18 -19.10
C GLY A 92 12.17 -12.21 -18.37
N SER A 93 12.15 -11.56 -17.21
CA SER A 93 10.95 -11.50 -16.37
C SER A 93 10.13 -10.27 -16.74
N HIS A 94 8.81 -10.43 -16.73
CA HIS A 94 7.92 -9.33 -17.05
C HIS A 94 6.78 -9.31 -16.05
N THR A 95 6.10 -8.16 -15.98
CA THR A 95 5.10 -7.92 -14.96
C THR A 95 3.84 -7.38 -15.59
N VAL A 96 2.70 -7.98 -15.25
CA VAL A 96 1.39 -7.46 -15.58
C VAL A 96 0.71 -7.08 -14.28
N GLN A 97 0.10 -5.91 -14.25
CA GLN A 97 -0.68 -5.49 -13.09
C GLN A 97 -2.07 -5.09 -13.53
N ARG A 98 -3.05 -5.49 -12.75
CA ARG A 98 -4.43 -5.09 -12.99
C ARG A 98 -4.99 -4.53 -11.70
N MET A 99 -5.79 -3.48 -11.83
CA MET A 99 -6.47 -2.92 -10.69
C MET A 99 -7.87 -2.54 -11.12
N TYR A 100 -8.84 -2.81 -10.28
CA TYR A 100 -10.15 -2.24 -10.56
C TYR A 100 -10.89 -2.03 -9.24
N GLY A 101 -11.97 -1.29 -9.32
CA GLY A 101 -12.73 -1.03 -8.11
C GLY A 101 -13.67 0.14 -8.29
N CYS A 102 -14.33 0.49 -7.19
CA CYS A 102 -15.36 1.52 -7.21
C CYS A 102 -15.24 2.44 -6.00
N ASP A 103 -15.65 3.70 -6.20
CA ASP A 103 -15.71 4.73 -5.18
C ASP A 103 -17.15 5.17 -5.00
N VAL A 104 -17.55 5.33 -3.73
CA VAL A 104 -18.85 5.87 -3.36
C VAL A 104 -18.64 7.11 -2.49
N GLY A 105 -19.68 7.97 -2.48
CA GLY A 105 -19.63 9.19 -1.71
C GLY A 105 -20.13 9.00 -0.28
N SER A 106 -20.22 10.13 0.43
CA SER A 106 -20.63 10.10 1.84
C SER A 106 -22.02 9.50 2.01
N ASP A 107 -22.85 9.56 0.98
CA ASP A 107 -24.16 8.92 0.97
C ASP A 107 -24.10 7.48 0.45
N TRP A 108 -22.90 6.94 0.23
CA TRP A 108 -22.65 5.59 -0.26
C TRP A 108 -23.19 5.36 -1.66
N ARG A 109 -23.54 6.42 -2.39
CA ARG A 109 -23.95 6.27 -3.78
C ARG A 109 -22.73 6.23 -4.69
N PHE A 110 -22.88 5.53 -5.83
CA PHE A 110 -21.78 5.37 -6.77
C PHE A 110 -21.21 6.72 -7.17
N LEU A 111 -19.88 6.79 -7.19
CA LEU A 111 -19.17 8.01 -7.57
C LEU A 111 -18.21 7.77 -8.72
N ARG A 112 -17.35 6.75 -8.63
CA ARG A 112 -16.39 6.51 -9.70
C ARG A 112 -16.13 5.02 -9.85
N GLY A 113 -15.67 4.66 -11.04
CA GLY A 113 -15.24 3.29 -11.31
C GLY A 113 -13.89 3.29 -11.98
N TYR A 114 -13.15 2.20 -11.77
CA TYR A 114 -11.78 2.10 -12.25
C TYR A 114 -11.53 0.69 -12.76
N HIS A 115 -10.78 0.61 -13.86
CA HIS A 115 -10.33 -0.68 -14.38
C HIS A 115 -9.11 -0.41 -15.25
N GLN A 116 -7.93 -0.77 -14.76
CA GLN A 116 -6.67 -0.38 -15.37
C GLN A 116 -5.72 -1.57 -15.42
N TYR A 117 -4.88 -1.57 -16.45
CA TYR A 117 -3.85 -2.55 -16.69
C TYR A 117 -2.54 -1.83 -16.98
N ALA A 118 -1.46 -2.37 -16.41
CA ALA A 118 -0.11 -1.93 -16.68
C ALA A 118 0.74 -3.13 -17.09
N TYR A 119 1.71 -2.86 -17.97
CA TYR A 119 2.70 -3.85 -18.37
C TYR A 119 4.07 -3.29 -18.04
N ASP A 120 4.84 -4.03 -17.25
CA ASP A 120 6.20 -3.65 -16.86
C ASP A 120 6.22 -2.26 -16.22
N GLY A 121 5.27 -2.03 -15.32
CA GLY A 121 5.20 -0.79 -14.56
C GLY A 121 4.76 0.42 -15.34
N LYS A 122 4.38 0.26 -16.60
CA LYS A 122 3.93 1.35 -17.46
C LYS A 122 2.45 1.14 -17.78
N ASP A 123 1.72 2.24 -17.86
CA ASP A 123 0.31 2.16 -18.22
C ASP A 123 0.14 1.42 -19.54
N TYR A 124 -0.81 0.48 -19.56
CA TYR A 124 -1.15 -0.24 -20.78
C TYR A 124 -2.52 0.17 -21.29
N ILE A 125 -3.59 -0.09 -20.51
CA ILE A 125 -4.92 0.26 -20.97
C ILE A 125 -5.79 0.60 -19.76
N ALA A 126 -6.81 1.41 -19.97
CA ALA A 126 -7.63 1.82 -18.84
C ALA A 126 -9.02 2.23 -19.29
N LEU A 127 -10.01 1.93 -18.45
CA LEU A 127 -11.36 2.43 -18.68
C LEU A 127 -11.41 3.93 -18.40
N LYS A 128 -11.94 4.69 -19.35
CA LYS A 128 -12.04 6.13 -19.16
C LYS A 128 -13.08 6.46 -18.10
N GLU A 129 -13.11 7.74 -17.71
CA GLU A 129 -13.99 8.18 -16.64
C GLU A 129 -15.46 7.99 -16.97
N ASP A 130 -15.83 8.05 -18.25
CA ASP A 130 -17.22 7.89 -18.64
C ASP A 130 -17.70 6.45 -18.62
N LEU A 131 -16.83 5.49 -18.28
CA LEU A 131 -17.16 4.08 -18.16
C LEU A 131 -17.66 3.48 -19.47
N ARG A 132 -17.43 4.15 -20.59
CA ARG A 132 -17.95 3.70 -21.87
C ARG A 132 -16.88 3.47 -22.92
N SER A 133 -15.63 3.85 -22.66
CA SER A 133 -14.59 3.74 -23.66
C SER A 133 -13.25 3.53 -22.98
N TRP A 134 -12.27 3.14 -23.78
CA TRP A 134 -10.95 2.78 -23.30
C TRP A 134 -9.92 3.80 -23.77
N THR A 135 -8.86 3.95 -22.98
CA THR A 135 -7.68 4.66 -23.42
C THR A 135 -6.53 3.67 -23.46
N ALA A 136 -5.81 3.70 -24.59
CA ALA A 136 -4.72 2.77 -24.88
C ALA A 136 -3.41 3.54 -24.94
N ALA A 137 -2.38 3.00 -24.30
CA ALA A 137 -1.11 3.69 -24.19
C ALA A 137 -0.27 3.59 -25.45
N ASP A 138 -0.46 2.55 -26.26
CA ASP A 138 0.34 2.35 -27.46
C ASP A 138 -0.45 1.47 -28.44
N MET A 139 0.24 1.01 -29.49
CA MET A 139 -0.45 0.30 -30.56
C MET A 139 -0.91 -1.10 -30.16
N ALA A 140 -0.09 -1.84 -29.41
CA ALA A 140 -0.53 -3.12 -28.86
C ALA A 140 -1.78 -2.95 -28.03
N ALA A 141 -1.78 -1.94 -27.15
CA ALA A 141 -2.97 -1.63 -26.37
C ALA A 141 -4.12 -1.24 -27.27
N GLN A 142 -3.84 -0.68 -28.45
CA GLN A 142 -4.92 -0.39 -29.40
C GLN A 142 -5.54 -1.68 -29.94
N THR A 143 -4.72 -2.71 -30.17
CA THR A 143 -5.30 -3.99 -30.58
C THR A 143 -6.18 -4.55 -29.47
N THR A 144 -5.71 -4.46 -28.22
CA THR A 144 -6.54 -4.89 -27.09
C THR A 144 -7.85 -4.10 -27.05
N LYS A 145 -7.77 -2.78 -27.25
CA LYS A 145 -8.94 -1.92 -27.18
C LYS A 145 -9.96 -2.26 -28.27
N HIS A 146 -9.48 -2.52 -29.49
CA HIS A 146 -10.40 -2.93 -30.55
C HIS A 146 -11.08 -4.25 -30.22
N LYS A 147 -10.31 -5.21 -29.70
CA LYS A 147 -10.90 -6.49 -29.32
C LYS A 147 -11.96 -6.31 -28.25
N TRP A 148 -11.70 -5.43 -27.28
CA TRP A 148 -12.65 -5.23 -26.20
C TRP A 148 -13.88 -4.46 -26.66
N GLU A 149 -13.71 -3.51 -27.59
CA GLU A 149 -14.85 -2.79 -28.14
C GLU A 149 -15.76 -3.71 -28.94
N ALA A 150 -15.17 -4.66 -29.70
CA ALA A 150 -15.98 -5.59 -30.46
C ALA A 150 -16.79 -6.51 -29.54
N ALA A 151 -16.24 -6.86 -28.38
CA ALA A 151 -16.90 -7.73 -27.43
C ALA A 151 -17.79 -6.98 -26.45
N HIS A 152 -17.89 -5.66 -26.57
CA HIS A 152 -18.74 -4.83 -25.70
C HIS A 152 -18.39 -5.04 -24.23
N VAL A 153 -17.09 -5.16 -23.96
CA VAL A 153 -16.61 -5.40 -22.61
C VAL A 153 -17.01 -4.26 -21.67
N ALA A 154 -16.93 -3.03 -22.15
CA ALA A 154 -17.16 -1.88 -21.27
C ALA A 154 -18.55 -1.88 -20.67
N GLU A 155 -19.56 -2.36 -21.40
CA GLU A 155 -20.92 -2.38 -20.86
C GLU A 155 -21.05 -3.38 -19.70
N GLN A 156 -20.48 -4.58 -19.87
CA GLN A 156 -20.49 -5.55 -18.77
C GLN A 156 -19.69 -5.02 -17.58
N LEU A 157 -18.55 -4.39 -17.86
CA LEU A 157 -17.75 -3.81 -16.79
C LEU A 157 -18.52 -2.71 -16.07
N ARG A 158 -19.26 -1.89 -16.80
CA ARG A 158 -20.03 -0.82 -16.18
C ARG A 158 -21.15 -1.39 -15.32
N ALA A 159 -21.81 -2.44 -15.81
CA ALA A 159 -22.84 -3.10 -14.99
C ALA A 159 -22.25 -3.68 -13.72
N TYR A 160 -21.05 -4.25 -13.80
CA TYR A 160 -20.39 -4.72 -12.58
C TYR A 160 -20.07 -3.57 -11.63
N LEU A 161 -19.48 -2.50 -12.15
CA LEU A 161 -18.99 -1.44 -11.27
C LEU A 161 -20.13 -0.69 -10.62
N GLU A 162 -21.23 -0.45 -11.35
CA GLU A 162 -22.35 0.30 -10.79
C GLU A 162 -23.33 -0.59 -10.03
N GLY A 163 -23.13 -1.90 -10.06
CA GLY A 163 -23.99 -2.80 -9.33
C GLY A 163 -23.22 -3.60 -8.29
N THR A 164 -22.75 -4.78 -8.70
CA THR A 164 -22.10 -5.71 -7.77
C THR A 164 -21.02 -5.04 -6.93
N CYS A 165 -20.12 -4.28 -7.56
CA CYS A 165 -19.01 -3.66 -6.85
C CYS A 165 -19.51 -2.75 -5.73
N VAL A 166 -20.35 -1.77 -6.07
CA VAL A 166 -20.82 -0.84 -5.06
C VAL A 166 -21.76 -1.51 -4.06
N GLU A 167 -22.58 -2.48 -4.51
CA GLU A 167 -23.49 -3.14 -3.58
C GLU A 167 -22.74 -3.93 -2.52
N TRP A 168 -21.68 -4.64 -2.94
CA TRP A 168 -20.93 -5.42 -1.96
C TRP A 168 -19.99 -4.55 -1.15
N LEU A 169 -19.55 -3.41 -1.70
CA LEU A 169 -18.86 -2.43 -0.87
C LEU A 169 -19.75 -1.96 0.26
N ARG A 170 -21.01 -1.61 -0.05
CA ARG A 170 -21.93 -1.20 1.00
C ARG A 170 -22.16 -2.32 2.01
N ARG A 171 -22.27 -3.55 1.53
CA ARG A 171 -22.39 -4.69 2.45
C ARG A 171 -21.20 -4.76 3.40
N TYR A 172 -19.99 -4.67 2.84
CA TYR A 172 -18.78 -4.73 3.67
C TYR A 172 -18.74 -3.59 4.67
N LEU A 173 -19.11 -2.37 4.24
CA LEU A 173 -19.10 -1.23 5.15
C LEU A 173 -20.10 -1.42 6.28
N GLU A 174 -21.21 -2.10 6.01
CA GLU A 174 -22.16 -2.40 7.08
C GLU A 174 -21.59 -3.45 8.02
N ASN A 175 -21.15 -4.59 7.49
CA ASN A 175 -20.69 -5.67 8.35
C ASN A 175 -19.42 -5.31 9.10
N GLY A 176 -18.52 -4.58 8.46
CA GLY A 176 -17.27 -4.17 9.08
C GLY A 176 -17.36 -2.79 9.67
N LYS A 177 -18.57 -2.42 10.11
CA LYS A 177 -18.83 -1.06 10.58
C LYS A 177 -17.88 -0.66 11.71
N GLU A 178 -17.64 -1.57 12.67
CA GLU A 178 -16.76 -1.26 13.79
C GLU A 178 -15.32 -1.04 13.35
N THR A 179 -14.94 -1.52 12.17
CA THR A 179 -13.60 -1.37 11.63
C THR A 179 -13.52 -0.35 10.50
N LEU A 180 -14.44 -0.43 9.54
CA LEU A 180 -14.32 0.39 8.34
C LEU A 180 -14.90 1.78 8.54
N GLN A 181 -15.92 1.93 9.37
CA GLN A 181 -16.59 3.20 9.58
C GLN A 181 -16.07 3.95 10.81
N ARG A 182 -14.92 3.55 11.33
CA ARG A 182 -14.35 4.20 12.50
C ARG A 182 -13.21 5.12 12.08
N THR A 183 -13.03 6.20 12.82
CA THR A 183 -11.96 7.17 12.60
C THR A 183 -11.16 7.28 13.89
N ASP A 184 -10.06 6.53 13.96
CA ASP A 184 -9.15 6.64 15.10
C ASP A 184 -8.34 7.93 14.96
N ALA A 185 -8.67 8.93 15.78
CA ALA A 185 -7.88 10.14 15.80
C ALA A 185 -6.45 9.82 16.25
N PRO A 186 -5.46 10.55 15.75
CA PRO A 186 -4.08 10.23 16.09
C PRO A 186 -3.76 10.54 17.55
N LYS A 187 -2.91 9.70 18.13
CA LYS A 187 -2.30 9.99 19.42
C LYS A 187 -0.99 10.71 19.15
N THR A 188 -0.90 11.95 19.59
CA THR A 188 0.23 12.82 19.24
C THR A 188 1.10 13.06 20.46
N HIS A 189 2.41 13.15 20.22
CA HIS A 189 3.29 13.63 21.28
C HIS A 189 4.52 14.26 20.66
N MET A 190 5.34 14.87 21.50
CA MET A 190 6.53 15.56 21.03
C MET A 190 7.77 14.97 21.70
N THR A 191 8.84 14.88 20.93
CA THR A 191 10.17 14.58 21.45
C THR A 191 11.09 15.76 21.14
N HIS A 192 12.11 15.89 21.98
CA HIS A 192 13.08 16.98 21.89
C HIS A 192 14.48 16.39 22.00
N HIS A 193 15.39 16.84 21.14
CA HIS A 193 16.74 16.30 21.13
C HIS A 193 17.75 17.39 20.80
N ALA A 194 18.74 17.57 21.67
CA ALA A 194 19.82 18.50 21.36
C ALA A 194 20.63 17.96 20.19
N VAL A 195 20.68 18.74 19.11
CA VAL A 195 21.51 18.41 17.96
C VAL A 195 22.92 18.96 18.14
N SER A 196 23.03 20.22 18.52
CA SER A 196 24.30 20.83 18.89
C SER A 196 24.11 21.62 20.17
N ASP A 197 25.13 22.35 20.62
CA ASP A 197 24.98 23.17 21.81
C ASP A 197 24.15 24.44 21.60
N HIS A 198 23.74 24.73 20.36
CA HIS A 198 22.90 25.88 20.10
C HIS A 198 21.69 25.56 19.22
N GLU A 199 21.44 24.28 18.91
CA GLU A 199 20.27 23.91 18.12
C GLU A 199 19.62 22.68 18.72
N ALA A 200 18.32 22.54 18.45
CA ALA A 200 17.56 21.40 18.94
C ALA A 200 16.61 20.94 17.85
N THR A 201 16.21 19.68 17.94
CA THR A 201 15.21 19.10 17.06
C THR A 201 13.94 18.85 17.87
N LEU A 202 12.83 19.39 17.38
CA LEU A 202 11.51 19.04 17.87
C LEU A 202 10.85 18.10 16.89
N ARG A 203 10.41 16.94 17.37
CA ARG A 203 9.72 15.97 16.53
C ARG A 203 8.30 15.76 17.05
N CYS A 204 7.35 15.77 16.14
CA CYS A 204 5.92 15.73 16.43
C CYS A 204 5.38 14.44 15.83
N TRP A 205 4.93 13.55 16.71
CA TRP A 205 4.47 12.20 16.38
C TRP A 205 2.95 12.16 16.34
N ALA A 206 2.41 11.59 15.27
CA ALA A 206 1.02 11.15 15.19
C ALA A 206 1.03 9.63 15.04
N LEU A 207 0.34 8.93 15.93
CA LEU A 207 0.37 7.48 15.97
C LEU A 207 -1.03 6.91 15.98
N SER A 208 -1.15 5.69 15.47
CA SER A 208 -2.34 4.86 15.68
C SER A 208 -3.60 5.53 15.12
N PHE A 209 -3.47 6.18 13.97
CA PHE A 209 -4.62 6.84 13.36
C PHE A 209 -5.12 6.03 12.18
N TYR A 210 -6.42 6.19 11.88
CA TYR A 210 -7.07 5.57 10.76
C TYR A 210 -8.20 6.51 10.35
N PRO A 211 -8.37 6.79 9.04
CA PRO A 211 -7.55 6.26 7.94
C PRO A 211 -6.21 6.97 7.80
N ALA A 212 -5.45 6.63 6.74
CA ALA A 212 -4.06 7.06 6.65
C ALA A 212 -3.89 8.54 6.36
N GLU A 213 -4.89 9.19 5.74
CA GLU A 213 -4.77 10.60 5.42
C GLU A 213 -4.60 11.44 6.69
N ILE A 214 -3.63 12.35 6.67
CA ILE A 214 -3.35 13.21 7.82
C ILE A 214 -2.46 14.35 7.34
N THR A 215 -2.49 15.47 8.07
CA THR A 215 -1.66 16.62 7.73
C THR A 215 -0.93 17.09 8.98
N LEU A 216 0.39 17.15 8.91
CA LEU A 216 1.23 17.67 9.98
C LEU A 216 1.97 18.89 9.45
N THR A 217 1.84 20.03 10.15
CA THR A 217 2.53 21.24 9.71
C THR A 217 3.11 21.96 10.91
N TRP A 218 4.30 22.54 10.73
CA TRP A 218 4.93 23.35 11.76
C TRP A 218 4.66 24.82 11.49
N GLN A 219 4.57 25.61 12.55
CA GLN A 219 4.56 27.05 12.35
C GLN A 219 5.25 27.73 13.51
N ARG A 220 5.85 28.88 13.22
CA ARG A 220 6.64 29.64 14.19
C ARG A 220 5.93 30.96 14.47
N ASP A 221 5.55 31.17 15.73
CA ASP A 221 4.75 32.33 16.12
C ASP A 221 3.54 32.50 15.21
N GLY A 222 2.94 31.37 14.83
CA GLY A 222 1.76 31.39 14.01
C GLY A 222 1.98 31.49 12.51
N GLU A 223 3.23 31.57 12.05
CA GLU A 223 3.55 31.64 10.63
C GLU A 223 4.07 30.30 10.16
N ASP A 224 3.50 29.79 9.05
CA ASP A 224 3.88 28.49 8.52
C ASP A 224 5.38 28.41 8.27
N GLN A 225 5.97 27.28 8.66
CA GLN A 225 7.41 27.09 8.63
C GLN A 225 7.74 25.94 7.68
N THR A 226 8.11 26.28 6.45
CA THR A 226 8.40 25.26 5.45
C THR A 226 9.83 24.75 5.59
N GLN A 227 10.80 25.66 5.64
CA GLN A 227 12.20 25.29 5.66
C GLN A 227 12.63 24.84 7.06
N ASP A 228 13.77 24.16 7.11
CA ASP A 228 14.33 23.58 8.32
C ASP A 228 13.44 22.50 8.92
N THR A 229 12.50 21.96 8.14
CA THR A 229 11.61 20.90 8.58
C THR A 229 11.85 19.62 7.78
N GLU A 230 11.24 18.54 8.25
CA GLU A 230 11.41 17.23 7.64
C GLU A 230 10.22 16.37 8.03
N LEU A 231 9.50 15.83 7.05
CA LEU A 231 8.40 14.92 7.35
C LEU A 231 8.62 13.62 6.58
N VAL A 232 8.28 12.51 7.24
CA VAL A 232 8.36 11.21 6.59
C VAL A 232 7.00 10.88 6.00
N GLU A 233 7.00 10.01 5.01
CA GLU A 233 5.76 9.50 4.44
C GLU A 233 5.00 8.70 5.48
N THR A 234 3.67 8.78 5.42
CA THR A 234 2.83 7.97 6.30
C THR A 234 3.15 6.50 6.11
N ARG A 235 3.20 5.77 7.21
CA ARG A 235 3.64 4.38 7.18
C ARG A 235 2.73 3.51 8.03
N PRO A 236 2.53 2.26 7.62
CA PRO A 236 1.65 1.38 8.41
C PRO A 236 2.32 0.88 9.68
N ALA A 237 1.57 0.93 10.78
CA ALA A 237 2.09 0.39 12.03
C ALA A 237 2.14 -1.13 12.02
N GLY A 238 1.36 -1.77 11.14
CA GLY A 238 1.29 -3.22 11.09
C GLY A 238 0.08 -3.81 11.79
N ASP A 239 -0.73 -2.99 12.45
CA ASP A 239 -1.93 -3.46 13.16
C ASP A 239 -3.19 -2.82 12.60
N GLY A 240 -3.14 -2.28 11.39
CA GLY A 240 -4.28 -1.62 10.79
C GLY A 240 -4.31 -0.12 10.95
N THR A 241 -3.37 0.47 11.69
CA THR A 241 -3.28 1.91 11.87
C THR A 241 -2.01 2.45 11.21
N PHE A 242 -1.87 3.77 11.25
CA PHE A 242 -0.78 4.43 10.55
C PHE A 242 -0.03 5.38 11.48
N GLN A 243 1.18 5.74 11.05
CA GLN A 243 2.08 6.61 11.81
C GLN A 243 2.62 7.69 10.90
N LYS A 244 2.98 8.82 11.50
CA LYS A 244 3.71 9.85 10.79
C LYS A 244 4.39 10.75 11.82
N TRP A 245 5.45 11.42 11.39
CA TRP A 245 6.04 12.45 12.23
C TRP A 245 6.60 13.56 11.38
N ALA A 246 6.69 14.74 11.99
CA ALA A 246 7.29 15.92 11.38
C ALA A 246 8.27 16.52 12.38
N ALA A 247 9.41 16.99 11.89
CA ALA A 247 10.44 17.51 12.76
C ALA A 247 10.93 18.85 12.24
N VAL A 248 11.40 19.67 13.16
CA VAL A 248 11.95 20.98 12.82
C VAL A 248 13.18 21.21 13.69
N VAL A 249 14.20 21.82 13.10
CA VAL A 249 15.41 22.24 13.80
C VAL A 249 15.23 23.70 14.21
N VAL A 250 15.46 23.99 15.48
CA VAL A 250 15.18 25.31 16.05
C VAL A 250 16.39 25.78 16.85
N PRO A 251 16.59 27.09 17.01
CA PRO A 251 17.63 27.55 17.94
C PRO A 251 17.24 27.16 19.37
N SER A 252 18.22 26.67 20.12
CA SER A 252 17.96 26.32 21.51
C SER A 252 17.60 27.57 22.29
N GLY A 253 16.53 27.49 23.07
CA GLY A 253 15.97 28.65 23.73
C GLY A 253 14.81 29.28 22.99
N GLN A 254 14.44 28.76 21.82
CA GLN A 254 13.32 29.28 21.04
C GLN A 254 12.27 28.21 20.75
N GLU A 255 12.32 27.07 21.44
CA GLU A 255 11.40 25.97 21.18
C GLU A 255 9.95 26.37 21.41
N GLN A 256 9.71 27.32 22.31
CA GLN A 256 8.34 27.71 22.64
C GLN A 256 7.65 28.44 21.49
N ARG A 257 8.41 28.95 20.51
CA ARG A 257 7.81 29.67 19.40
C ARG A 257 7.14 28.74 18.38
N TYR A 258 7.46 27.46 18.41
CA TYR A 258 7.03 26.53 17.37
C TYR A 258 5.81 25.74 17.83
N THR A 259 4.93 25.46 16.89
CA THR A 259 3.73 24.67 17.15
C THR A 259 3.55 23.66 16.03
N CYS A 260 3.13 22.47 16.40
CA CYS A 260 2.81 21.41 15.46
C CYS A 260 1.30 21.30 15.35
N HIS A 261 0.79 21.38 14.13
CA HIS A 261 -0.65 21.34 13.87
C HIS A 261 -0.97 20.03 13.18
N VAL A 262 -2.03 19.38 13.66
CA VAL A 262 -2.40 18.03 13.24
C VAL A 262 -3.84 18.07 12.76
N GLN A 263 -4.04 17.72 11.49
CA GLN A 263 -5.36 17.61 10.88
C GLN A 263 -5.62 16.15 10.55
N HIS A 264 -6.80 15.67 10.92
CA HIS A 264 -7.23 14.31 10.66
C HIS A 264 -8.74 14.28 10.75
N GLU A 265 -9.35 13.36 9.99
CA GLU A 265 -10.81 13.24 10.01
C GLU A 265 -11.33 12.92 11.41
N GLY A 266 -10.60 12.11 12.17
CA GLY A 266 -11.04 11.73 13.51
C GLY A 266 -10.91 12.82 14.54
N LEU A 267 -10.50 14.03 14.16
CA LEU A 267 -10.41 15.15 15.09
C LEU A 267 -11.52 16.15 14.78
N PRO A 268 -12.38 16.48 15.75
CA PRO A 268 -13.37 17.54 15.48
C PRO A 268 -12.74 18.86 15.11
N LYS A 269 -11.61 19.20 15.72
CA LYS A 269 -10.82 20.36 15.36
C LYS A 269 -9.35 19.98 15.40
N PRO A 270 -8.52 20.65 14.59
CA PRO A 270 -7.09 20.27 14.54
C PRO A 270 -6.41 20.44 15.89
N LEU A 271 -5.39 19.63 16.12
CA LEU A 271 -4.64 19.71 17.36
C LEU A 271 -3.45 20.64 17.19
N THR A 272 -3.08 21.28 18.28
CA THR A 272 -1.90 22.14 18.37
C THR A 272 -1.03 21.63 19.50
N LEU A 273 0.22 21.28 19.19
CA LEU A 273 1.18 20.82 20.18
C LEU A 273 2.32 21.81 20.28
N ARG A 274 2.68 22.18 21.51
CA ARG A 274 3.81 23.06 21.77
C ARG A 274 4.71 22.41 22.82
N TRP A 275 6.02 22.57 22.65
CA TRP A 275 6.96 21.99 23.60
C TRP A 275 6.80 22.60 24.98
N GLU A 276 6.87 23.92 25.07
CA GLU A 276 6.59 24.59 26.34
C GLU A 276 5.69 25.80 26.11
N MET B 1 11.63 -0.59 -20.07
CA MET B 1 11.51 -1.17 -18.74
C MET B 1 11.58 -0.10 -17.65
N ILE B 2 10.45 0.12 -16.97
CA ILE B 2 10.41 1.06 -15.86
C ILE B 2 10.99 0.40 -14.62
N GLN B 3 11.97 1.06 -14.01
CA GLN B 3 12.57 0.61 -12.76
C GLN B 3 12.53 1.77 -11.77
N ARG B 4 12.11 1.48 -10.54
CA ARG B 4 11.97 2.49 -9.49
C ARG B 4 12.68 2.02 -8.24
N THR B 5 13.44 2.93 -7.62
CA THR B 5 14.19 2.59 -6.42
C THR B 5 13.24 2.57 -5.21
N PRO B 6 13.40 1.62 -4.29
CA PRO B 6 12.56 1.61 -3.09
C PRO B 6 12.96 2.68 -2.10
N LYS B 7 11.95 3.31 -1.52
CA LYS B 7 12.10 4.08 -0.30
C LYS B 7 11.94 3.13 0.87
N ILE B 8 12.70 3.37 1.94
CA ILE B 8 12.79 2.46 3.07
C ILE B 8 12.58 3.23 4.35
N GLN B 9 11.74 2.70 5.23
CA GLN B 9 11.62 3.19 6.60
C GLN B 9 11.71 2.03 7.57
N VAL B 10 12.55 2.15 8.60
CA VAL B 10 12.64 1.15 9.66
C VAL B 10 12.16 1.80 10.96
N TYR B 11 11.25 1.12 11.66
CA TYR B 11 10.56 1.73 12.79
C TYR B 11 9.82 0.65 13.57
N SER B 12 9.47 0.96 14.79
CA SER B 12 8.77 -0.01 15.63
C SER B 12 7.27 0.26 15.58
N ARG B 13 6.48 -0.81 15.77
CA ARG B 13 5.03 -0.68 15.71
C ARG B 13 4.50 0.21 16.82
N HIS B 14 5.06 0.10 18.01
CA HIS B 14 4.76 0.97 19.14
C HIS B 14 6.02 1.72 19.54
N PRO B 15 5.90 2.84 20.24
CA PRO B 15 7.10 3.52 20.75
C PRO B 15 7.93 2.58 21.60
N ALA B 16 9.24 2.61 21.38
CA ALA B 16 10.14 1.63 21.98
C ALA B 16 10.22 1.80 23.49
N GLU B 17 10.17 0.68 24.19
CA GLU B 17 10.38 0.64 25.64
C GLU B 17 11.23 -0.59 25.91
N ASN B 18 12.41 -0.39 26.49
CA ASN B 18 13.33 -1.50 26.72
C ASN B 18 12.66 -2.55 27.60
N GLY B 19 12.91 -3.82 27.27
CA GLY B 19 12.31 -4.93 27.97
C GLY B 19 10.89 -5.26 27.57
N LYS B 20 10.24 -4.43 26.76
CA LYS B 20 8.86 -4.66 26.34
C LYS B 20 8.81 -5.30 24.96
N SER B 21 7.84 -6.19 24.76
CA SER B 21 7.64 -6.81 23.47
C SER B 21 7.11 -5.77 22.48
N ASN B 22 7.54 -5.90 21.22
CA ASN B 22 7.24 -4.91 20.20
C ASN B 22 7.42 -5.58 18.84
N PHE B 23 7.15 -4.83 17.77
CA PHE B 23 7.37 -5.30 16.41
C PHE B 23 8.28 -4.33 15.67
N LEU B 24 9.35 -4.86 15.10
CA LEU B 24 10.24 -4.09 14.24
C LEU B 24 9.74 -4.21 12.81
N ASN B 25 9.67 -3.07 12.12
CA ASN B 25 9.12 -2.97 10.78
C ASN B 25 10.15 -2.37 9.82
N CYS B 26 10.19 -2.91 8.62
CA CYS B 26 10.86 -2.33 7.48
C CYS B 26 9.84 -2.18 6.36
N TYR B 27 9.47 -0.95 6.07
CA TYR B 27 8.48 -0.61 5.06
C TYR B 27 9.22 -0.17 3.81
N VAL B 28 9.04 -0.91 2.72
CA VAL B 28 9.64 -0.59 1.44
C VAL B 28 8.53 -0.21 0.48
N SER B 29 8.72 0.88 -0.26
CA SER B 29 7.64 1.36 -1.10
C SER B 29 8.23 2.04 -2.33
N GLY B 30 7.38 2.26 -3.33
CA GLY B 30 7.80 3.01 -4.49
C GLY B 30 8.82 2.32 -5.39
N PHE B 31 8.83 1.00 -5.41
CA PHE B 31 9.79 0.27 -6.22
C PHE B 31 9.09 -0.51 -7.34
N HIS B 32 9.86 -0.81 -8.38
CA HIS B 32 9.44 -1.62 -9.52
C HIS B 32 10.72 -2.13 -10.19
N PRO B 33 10.82 -3.43 -10.53
CA PRO B 33 9.79 -4.46 -10.39
C PRO B 33 9.62 -4.99 -8.96
N SER B 34 8.76 -5.98 -8.79
CA SER B 34 8.37 -6.44 -7.47
C SER B 34 9.44 -7.25 -6.77
N ASP B 35 10.36 -7.85 -7.53
CA ASP B 35 11.44 -8.61 -6.91
C ASP B 35 12.23 -7.72 -5.97
N ILE B 36 12.40 -8.15 -4.73
CA ILE B 36 13.12 -7.35 -3.74
C ILE B 36 13.58 -8.28 -2.64
N GLU B 37 14.75 -8.00 -2.09
CA GLU B 37 15.31 -8.75 -0.97
C GLU B 37 15.33 -7.83 0.26
N VAL B 38 14.57 -8.20 1.28
CA VAL B 38 14.46 -7.41 2.49
C VAL B 38 14.79 -8.30 3.68
N ASP B 39 15.77 -7.90 4.48
CA ASP B 39 16.15 -8.63 5.67
C ASP B 39 16.18 -7.67 6.86
N LEU B 40 15.78 -8.17 8.02
CA LEU B 40 15.95 -7.46 9.27
C LEU B 40 17.18 -8.00 9.99
N LEU B 41 17.98 -7.10 10.53
CA LEU B 41 19.27 -7.43 11.13
C LEU B 41 19.26 -7.04 12.59
N LYS B 42 19.68 -7.98 13.45
CA LYS B 42 19.96 -7.71 14.86
C LYS B 42 21.47 -7.80 15.06
N ASN B 43 22.07 -6.68 15.45
CA ASN B 43 23.52 -6.58 15.63
C ASN B 43 24.27 -7.09 14.40
N GLY B 44 23.73 -6.76 13.22
CA GLY B 44 24.35 -7.14 11.96
C GLY B 44 24.09 -8.57 11.53
N GLU B 45 23.27 -9.31 12.25
CA GLU B 45 22.97 -10.71 11.93
C GLU B 45 21.54 -10.83 11.40
N ARG B 46 21.38 -11.57 10.32
CA ARG B 46 20.07 -11.79 9.73
C ARG B 46 19.12 -12.43 10.75
N ILE B 47 17.93 -11.85 10.88
CA ILE B 47 16.90 -12.41 11.74
C ILE B 47 16.07 -13.39 10.92
N GLU B 48 15.80 -14.57 11.49
CA GLU B 48 14.90 -15.52 10.89
C GLU B 48 13.47 -15.30 11.38
N LYS B 49 12.53 -16.02 10.77
CA LYS B 49 11.11 -15.92 11.11
C LYS B 49 10.61 -14.49 10.95
N VAL B 50 10.97 -13.87 9.83
CA VAL B 50 10.50 -12.53 9.47
C VAL B 50 9.32 -12.68 8.53
N GLU B 51 8.22 -12.01 8.84
CA GLU B 51 7.03 -12.05 8.01
C GLU B 51 6.91 -10.78 7.18
N HIS B 52 6.11 -10.87 6.11
CA HIS B 52 5.86 -9.73 5.24
C HIS B 52 4.41 -9.71 4.81
N SER B 53 3.92 -8.50 4.52
CA SER B 53 2.56 -8.34 4.06
C SER B 53 2.41 -8.88 2.65
N ASP B 54 1.20 -8.79 2.11
CA ASP B 54 0.89 -9.26 0.77
C ASP B 54 1.16 -8.14 -0.24
N LEU B 55 1.88 -8.48 -1.29
CA LEU B 55 2.31 -7.49 -2.28
C LEU B 55 1.14 -6.69 -2.83
N SER B 56 1.25 -5.37 -2.74
CA SER B 56 0.26 -4.46 -3.28
C SER B 56 0.99 -3.31 -3.96
N PHE B 57 0.25 -2.40 -4.58
CA PHE B 57 0.88 -1.30 -5.31
C PHE B 57 -0.02 -0.06 -5.28
N SER B 58 0.57 1.08 -5.64
CA SER B 58 -0.08 2.36 -5.57
C SER B 58 -0.62 2.79 -6.93
N LYS B 59 -1.15 4.01 -6.98
CA LYS B 59 -1.77 4.52 -8.20
C LYS B 59 -0.79 4.56 -9.37
N ASP B 60 0.47 4.90 -9.09
CA ASP B 60 1.52 4.91 -10.11
C ASP B 60 2.10 3.54 -10.40
N TRP B 61 1.46 2.46 -9.91
CA TRP B 61 1.79 1.06 -10.14
C TRP B 61 3.00 0.58 -9.33
N SER B 62 3.69 1.46 -8.60
CA SER B 62 4.84 1.03 -7.82
C SER B 62 4.42 0.22 -6.60
N PHE B 63 5.25 -0.76 -6.24
CA PHE B 63 4.93 -1.73 -5.20
C PHE B 63 5.30 -1.22 -3.81
N TYR B 64 4.63 -1.80 -2.81
CA TYR B 64 5.01 -1.56 -1.43
C TYR B 64 4.77 -2.83 -0.61
N LEU B 65 5.64 -3.04 0.37
CA LEU B 65 5.63 -4.20 1.25
C LEU B 65 6.05 -3.79 2.65
N LEU B 66 5.47 -4.45 3.65
CA LEU B 66 5.86 -4.29 5.04
C LEU B 66 6.45 -5.60 5.54
N TYR B 67 7.73 -5.58 5.90
CA TYR B 67 8.38 -6.70 6.57
C TYR B 67 8.40 -6.42 8.06
N TYR B 68 8.17 -7.44 8.87
CA TYR B 68 8.05 -7.19 10.30
C TYR B 68 8.47 -8.43 11.08
N THR B 69 8.92 -8.21 12.31
CA THR B 69 9.26 -9.30 13.20
C THR B 69 9.02 -8.90 14.65
N GLU B 70 8.65 -9.87 15.47
CA GLU B 70 8.54 -9.64 16.90
C GLU B 70 9.93 -9.47 17.48
N PHE B 71 10.08 -8.50 18.39
CA PHE B 71 11.37 -8.31 19.03
C PHE B 71 11.14 -7.62 20.37
N THR B 72 12.23 -7.47 21.12
CA THR B 72 12.21 -6.82 22.42
C THR B 72 13.44 -5.93 22.48
N PRO B 73 13.28 -4.63 22.31
CA PRO B 73 14.45 -3.74 22.28
C PRO B 73 15.11 -3.63 23.64
N THR B 74 16.43 -3.47 23.61
CA THR B 74 17.24 -3.24 24.80
C THR B 74 18.03 -1.96 24.62
N GLU B 75 18.85 -1.66 25.63
CA GLU B 75 19.62 -0.42 25.62
C GLU B 75 20.70 -0.43 24.53
N LYS B 76 21.36 -1.58 24.33
CA LYS B 76 22.56 -1.65 23.51
C LYS B 76 22.45 -2.58 22.31
N ASP B 77 21.25 -3.05 21.97
CA ASP B 77 21.06 -3.89 20.79
C ASP B 77 20.76 -3.03 19.59
N GLU B 78 21.44 -3.30 18.48
CA GLU B 78 21.28 -2.53 17.24
C GLU B 78 20.46 -3.33 16.24
N TYR B 79 19.48 -2.67 15.63
CA TYR B 79 18.63 -3.28 14.62
C TYR B 79 18.68 -2.46 13.34
N ALA B 80 18.42 -3.12 12.22
CA ALA B 80 18.53 -2.46 10.93
C ALA B 80 17.73 -3.23 9.90
N CYS B 81 17.56 -2.61 8.74
CA CYS B 81 16.91 -3.22 7.59
C CYS B 81 17.87 -3.17 6.40
N ARG B 82 18.06 -4.30 5.73
CA ARG B 82 18.91 -4.40 4.57
C ARG B 82 18.04 -4.70 3.36
N VAL B 83 18.11 -3.83 2.35
CA VAL B 83 17.28 -3.94 1.16
C VAL B 83 18.19 -4.01 -0.05
N ASN B 84 17.95 -5.01 -0.87
CA ASN B 84 18.60 -5.16 -2.17
C ASN B 84 17.52 -5.21 -3.24
N HIS B 85 17.83 -4.60 -4.38
CA HIS B 85 16.87 -4.41 -5.46
C HIS B 85 17.68 -4.20 -6.73
N VAL B 86 17.05 -4.49 -7.87
CA VAL B 86 17.76 -4.36 -9.15
C VAL B 86 18.21 -2.93 -9.40
N THR B 87 17.54 -1.94 -8.78
CA THR B 87 17.94 -0.55 -8.90
C THR B 87 19.04 -0.15 -7.91
N LEU B 88 19.36 -0.99 -6.93
CA LEU B 88 20.35 -0.66 -5.90
C LEU B 88 21.63 -1.46 -6.19
N SER B 89 22.59 -0.83 -6.86
CA SER B 89 23.87 -1.49 -7.10
C SER B 89 24.56 -1.85 -5.79
N GLN B 90 24.45 -0.98 -4.80
CA GLN B 90 24.91 -1.29 -3.45
C GLN B 90 23.70 -1.50 -2.55
N PRO B 91 23.62 -2.62 -1.82
CA PRO B 91 22.48 -2.81 -0.91
C PRO B 91 22.42 -1.68 0.10
N LYS B 92 21.18 -1.26 0.41
CA LYS B 92 20.97 -0.19 1.37
C LYS B 92 20.73 -0.78 2.75
N ILE B 93 21.47 -0.30 3.74
CA ILE B 93 21.24 -0.64 5.13
C ILE B 93 20.75 0.62 5.83
N VAL B 94 19.57 0.53 6.43
CA VAL B 94 18.99 1.62 7.21
C VAL B 94 18.91 1.16 8.66
N LYS B 95 19.65 1.84 9.53
CA LYS B 95 19.66 1.50 10.95
C LYS B 95 18.37 1.96 11.62
N TRP B 96 17.97 1.23 12.66
CA TRP B 96 16.79 1.59 13.43
C TRP B 96 17.15 2.66 14.46
N ASP B 97 16.34 3.72 14.49
CA ASP B 97 16.43 4.78 15.48
C ASP B 97 15.08 4.86 16.18
N ARG B 98 15.08 4.65 17.50
CA ARG B 98 13.82 4.53 18.23
C ARG B 98 12.98 5.81 18.18
N ASP B 99 13.60 6.96 17.91
CA ASP B 99 12.85 8.21 17.78
C ASP B 99 12.68 8.63 16.32
N MET B 100 12.57 7.67 15.41
CA MET B 100 12.37 7.98 13.99
C MET B 100 11.49 6.93 13.30
N LYS C 1 -17.01 -7.79 -3.77
CA LYS C 1 -16.54 -8.99 -4.44
C LYS C 1 -16.06 -8.69 -5.86
N GLN C 2 -15.31 -9.64 -6.42
CA GLN C 2 -14.62 -9.47 -7.68
C GLN C 2 -15.58 -9.58 -8.87
N TRP C 3 -15.04 -9.27 -10.04
CA TRP C 3 -15.76 -9.37 -11.30
C TRP C 3 -15.49 -10.73 -11.91
N LEU C 4 -16.56 -11.47 -12.19
CA LEU C 4 -16.42 -12.78 -12.84
C LEU C 4 -16.18 -12.55 -14.32
N VAL C 5 -14.92 -12.58 -14.70
CA VAL C 5 -14.53 -12.26 -16.07
C VAL C 5 -13.41 -13.18 -16.51
N TRP C 6 -13.46 -13.56 -17.80
CA TRP C 6 -12.31 -14.15 -18.50
C TRP C 6 -12.01 -13.12 -19.58
N LEU C 7 -11.21 -12.12 -19.20
CA LEU C 7 -10.85 -11.01 -20.08
C LEU C 7 -9.39 -11.20 -20.47
N PHE C 8 -9.13 -11.30 -21.77
CA PHE C 8 -7.78 -11.42 -22.27
C PHE C 8 -7.35 -10.11 -22.93
N LEU C 9 -6.11 -9.71 -22.71
CA LEU C 9 -5.55 -8.57 -23.41
C LEU C 9 -5.38 -8.89 -24.89
#